data_6V8J
#
_entry.id   6V8J
#
_cell.length_a   38.406
_cell.length_b   59.209
_cell.length_c   67.078
_cell.angle_alpha   89.960
_cell.angle_beta   89.990
_cell.angle_gamma   71.020
#
_symmetry.space_group_name_H-M   'P 1'
#
loop_
_entity.id
_entity.type
_entity.pdbx_description
1 polymer 'Ara h 8 allergen isoform'
2 non-polymer 'SODIUM ION'
3 non-polymer 'SULFATE ION'
4 water water
#
_entity_poly.entity_id   1
_entity_poly.type   'polypeptide(L)'
_entity_poly.pdbx_seq_one_letter_code
;MGVHTFEEESTSPVPPAKLFKATVVDGDELTPKLIPAIQSIEIVEGNGGPGTVKKVTAVEDGKTSYVLHKIDAIDEATYT
YDYTISGGTGFQEILEKVSFKTKLEAADGGSKIKVSVTFHTKGDAPLPDEVHQDVKQKSQGIFKAIEGYVLSN
;
_entity_poly.pdbx_strand_id   A,B,C,D
#
loop_
_chem_comp.id
_chem_comp.type
_chem_comp.name
_chem_comp.formula
NA non-polymer 'SODIUM ION' 'Na 1'
SO4 non-polymer 'SULFATE ION' 'O4 S -2'
#
# COMPACT_ATOMS: atom_id res chain seq x y z
N GLY A 2 28.25 -10.71 -2.23
CA GLY A 2 27.28 -9.73 -1.66
C GLY A 2 25.85 -10.14 -1.96
N VAL A 3 24.94 -9.97 -0.99
CA VAL A 3 23.52 -10.40 -1.06
C VAL A 3 22.66 -9.16 -0.80
N HIS A 4 21.84 -8.78 -1.78
CA HIS A 4 21.02 -7.54 -1.70
C HIS A 4 19.57 -7.88 -2.03
N THR A 5 18.67 -7.62 -1.09
CA THR A 5 17.30 -8.19 -1.12
C THR A 5 16.24 -7.09 -1.26
N PHE A 6 15.22 -7.29 -2.08
CA PHE A 6 14.07 -6.35 -2.13
C PHE A 6 12.78 -7.16 -2.13
N GLU A 7 11.69 -6.54 -1.71
CA GLU A 7 10.34 -7.14 -1.84
C GLU A 7 9.41 -6.15 -2.55
N GLU A 8 8.51 -6.68 -3.36
CA GLU A 8 7.43 -5.92 -4.03
C GLU A 8 6.12 -6.69 -3.87
N GLU A 9 5.05 -5.97 -3.55
CA GLU A 9 3.68 -6.51 -3.58
C GLU A 9 2.89 -5.70 -4.62
N SER A 10 2.06 -6.38 -5.42
CA SER A 10 1.21 -5.71 -6.45
C SER A 10 -0.07 -6.51 -6.67
N THR A 11 -1.05 -5.95 -7.40
CA THR A 11 -2.30 -6.69 -7.68
C THR A 11 -2.46 -6.97 -9.16
N SER A 12 -3.35 -7.89 -9.50
CA SER A 12 -3.88 -8.06 -10.87
C SER A 12 -5.38 -8.24 -10.81
N PRO A 13 -6.15 -7.80 -11.85
CA PRO A 13 -7.53 -8.27 -12.00
C PRO A 13 -7.62 -9.76 -12.37
N VAL A 14 -6.53 -10.37 -12.88
CA VAL A 14 -6.49 -11.81 -13.29
C VAL A 14 -6.48 -12.68 -12.04
N PRO A 15 -7.36 -13.70 -11.96
CA PRO A 15 -7.35 -14.63 -10.85
C PRO A 15 -6.07 -15.48 -10.82
N PRO A 16 -5.66 -16.00 -9.65
CA PRO A 16 -4.32 -16.59 -9.54
C PRO A 16 -4.05 -17.83 -10.44
N ALA A 17 -5.01 -18.75 -10.51
CA ALA A 17 -4.81 -19.96 -11.34
C ALA A 17 -4.45 -19.53 -12.77
N LYS A 18 -5.25 -18.64 -13.35
CA LYS A 18 -5.07 -18.18 -14.75
C LYS A 18 -3.74 -17.43 -14.89
N LEU A 19 -3.44 -16.56 -13.94
CA LEU A 19 -2.19 -15.79 -13.95
C LEU A 19 -0.97 -16.71 -13.79
N PHE A 20 -1.07 -17.70 -12.90
CA PHE A 20 0.03 -18.69 -12.72
C PHE A 20 0.24 -19.50 -14.00
N LYS A 21 -0.83 -19.96 -14.63
CA LYS A 21 -0.73 -20.81 -15.86
C LYS A 21 -0.06 -20.00 -16.99
N ALA A 22 -0.48 -18.75 -17.18
CA ALA A 22 0.13 -17.96 -18.27
C ALA A 22 1.59 -17.66 -17.94
N THR A 23 1.86 -17.20 -16.71
CA THR A 23 3.21 -16.73 -16.33
C THR A 23 4.21 -17.89 -16.20
N VAL A 24 3.80 -18.99 -15.61
CA VAL A 24 4.82 -20.01 -15.23
C VAL A 24 4.63 -21.24 -16.11
N VAL A 25 3.43 -21.81 -16.15
CA VAL A 25 3.24 -23.05 -16.94
C VAL A 25 3.46 -22.74 -18.43
N ASP A 26 2.94 -21.62 -18.93
CA ASP A 26 3.01 -21.29 -20.38
C ASP A 26 4.09 -20.25 -20.68
N GLY A 27 4.81 -19.79 -19.66
CA GLY A 27 5.79 -18.71 -19.84
C GLY A 27 6.82 -19.01 -20.94
N ASP A 28 7.22 -20.26 -21.08
CA ASP A 28 8.26 -20.62 -22.08
C ASP A 28 7.70 -20.48 -23.49
N GLU A 29 6.40 -20.72 -23.66
CA GLU A 29 5.67 -20.56 -24.96
C GLU A 29 5.38 -19.07 -25.19
N LEU A 30 4.85 -18.35 -24.21
CA LEU A 30 4.30 -16.98 -24.44
C LEU A 30 5.46 -15.99 -24.59
N THR A 31 6.54 -16.12 -23.81
CA THR A 31 7.54 -15.02 -23.65
C THR A 31 8.20 -14.68 -24.99
N PRO A 32 8.71 -15.67 -25.77
CA PRO A 32 9.32 -15.39 -27.06
C PRO A 32 8.31 -14.81 -28.07
N LYS A 33 7.04 -15.17 -27.91
CA LYS A 33 5.94 -14.71 -28.80
C LYS A 33 5.64 -13.24 -28.49
N LEU A 34 5.70 -12.81 -27.22
CA LEU A 34 5.21 -11.47 -26.81
C LEU A 34 6.36 -10.46 -26.72
N ILE A 35 7.57 -10.87 -26.37
CA ILE A 35 8.73 -9.95 -26.19
C ILE A 35 9.59 -10.01 -27.46
N PRO A 36 9.64 -8.95 -28.29
CA PRO A 36 10.45 -8.97 -29.51
C PRO A 36 11.89 -9.48 -29.27
N ALA A 37 12.56 -8.98 -28.23
CA ALA A 37 14.01 -9.18 -27.93
C ALA A 37 14.31 -10.62 -27.53
N ILE A 38 13.32 -11.36 -27.04
CA ILE A 38 13.59 -12.72 -26.51
C ILE A 38 13.31 -13.76 -27.61
N GLN A 39 14.35 -14.32 -28.22
CA GLN A 39 14.24 -15.24 -29.39
C GLN A 39 13.61 -16.58 -29.02
N SER A 40 14.00 -17.16 -27.89
CA SER A 40 13.73 -18.59 -27.60
C SER A 40 14.03 -18.88 -26.13
N ILE A 41 13.33 -19.87 -25.58
CA ILE A 41 13.53 -20.43 -24.22
C ILE A 41 13.49 -21.94 -24.42
N GLU A 42 14.60 -22.62 -24.15
CA GLU A 42 14.72 -24.07 -24.36
C GLU A 42 15.20 -24.69 -23.05
N ILE A 43 14.76 -25.92 -22.77
CA ILE A 43 15.30 -26.72 -21.64
C ILE A 43 16.71 -27.20 -22.02
N VAL A 44 17.69 -26.89 -21.18
CA VAL A 44 19.08 -27.45 -21.23
C VAL A 44 19.12 -28.79 -20.48
N GLU A 45 18.45 -28.88 -19.33
CA GLU A 45 18.42 -30.12 -18.52
C GLU A 45 17.21 -30.10 -17.58
N GLY A 46 16.62 -31.27 -17.36
CA GLY A 46 15.56 -31.49 -16.36
C GLY A 46 14.22 -31.73 -17.01
N ASN A 47 13.20 -31.98 -16.17
CA ASN A 47 11.85 -32.46 -16.56
C ASN A 47 10.80 -31.37 -16.33
N GLY A 48 11.20 -30.09 -16.17
CA GLY A 48 10.30 -28.96 -15.92
C GLY A 48 10.01 -28.77 -14.43
N GLY A 49 10.48 -29.68 -13.58
CA GLY A 49 10.40 -29.57 -12.11
C GLY A 49 11.60 -28.85 -11.53
N PRO A 50 11.73 -28.80 -10.19
CA PRO A 50 12.86 -28.17 -9.53
C PRO A 50 14.21 -28.74 -10.02
N GLY A 51 15.16 -27.86 -10.37
CA GLY A 51 16.50 -28.25 -10.85
C GLY A 51 16.63 -28.06 -12.34
N THR A 52 15.50 -28.00 -13.05
CA THR A 52 15.42 -27.70 -14.51
C THR A 52 16.15 -26.41 -14.84
N VAL A 53 17.07 -26.48 -15.80
CA VAL A 53 17.76 -25.28 -16.34
C VAL A 53 17.25 -25.05 -17.78
N LYS A 54 16.95 -23.78 -18.05
CA LYS A 54 16.48 -23.27 -19.36
C LYS A 54 17.49 -22.25 -19.87
N LYS A 55 17.66 -22.21 -21.20
CA LYS A 55 18.47 -21.19 -21.90
C LYS A 55 17.52 -20.22 -22.59
N VAL A 56 17.60 -18.94 -22.24
CA VAL A 56 16.80 -17.82 -22.83
C VAL A 56 17.75 -17.10 -23.78
N THR A 57 17.44 -17.18 -25.07
CA THR A 57 18.18 -16.43 -26.10
C THR A 57 17.46 -15.11 -26.37
N ALA A 58 18.21 -14.02 -26.29
CA ALA A 58 17.74 -12.64 -26.51
C ALA A 58 18.62 -12.01 -27.60
N VAL A 59 18.01 -11.24 -28.49
CA VAL A 59 18.78 -10.44 -29.46
C VAL A 59 18.34 -8.97 -29.36
N GLU A 60 19.29 -8.05 -29.27
CA GLU A 60 19.01 -6.61 -29.45
C GLU A 60 20.17 -5.94 -30.20
N ASP A 61 19.85 -5.13 -31.22
CA ASP A 61 20.82 -4.25 -31.93
C ASP A 61 22.00 -5.06 -32.48
N GLY A 62 21.72 -6.26 -32.99
CA GLY A 62 22.72 -7.19 -33.53
C GLY A 62 23.37 -8.05 -32.47
N LYS A 63 23.02 -7.87 -31.20
CA LYS A 63 23.83 -8.48 -30.11
C LYS A 63 23.05 -9.62 -29.46
N THR A 64 23.60 -10.84 -29.50
CA THR A 64 22.85 -12.04 -29.06
C THR A 64 23.40 -12.51 -27.71
N SER A 65 22.51 -12.73 -26.74
CA SER A 65 22.93 -12.99 -25.34
C SER A 65 22.09 -14.15 -24.78
N TYR A 66 22.65 -14.88 -23.83
CA TYR A 66 22.00 -16.10 -23.32
C TYR A 66 22.01 -15.98 -21.79
N VAL A 67 20.83 -15.94 -21.18
CA VAL A 67 20.82 -16.04 -19.71
C VAL A 67 20.27 -17.42 -19.35
N LEU A 68 20.83 -18.02 -18.30
CA LEU A 68 20.34 -19.34 -17.85
C LEU A 68 19.36 -19.12 -16.70
N HIS A 69 18.33 -19.95 -16.67
CA HIS A 69 17.18 -19.85 -15.75
C HIS A 69 16.96 -21.22 -15.09
N LYS A 70 17.19 -21.29 -13.78
CA LYS A 70 17.06 -22.54 -12.99
C LYS A 70 15.76 -22.47 -12.18
N ILE A 71 14.96 -23.53 -12.18
CA ILE A 71 13.78 -23.63 -11.27
C ILE A 71 14.29 -24.03 -9.88
N ASP A 72 14.05 -23.19 -8.87
CA ASP A 72 14.46 -23.51 -7.48
C ASP A 72 13.28 -24.20 -6.77
N ALA A 73 12.06 -23.72 -6.99
CA ALA A 73 10.84 -24.34 -6.41
C ALA A 73 9.66 -24.06 -7.33
N ILE A 74 8.72 -24.97 -7.39
CA ILE A 74 7.46 -24.75 -8.14
C ILE A 74 6.36 -25.53 -7.44
N ASP A 75 5.24 -24.87 -7.13
CA ASP A 75 4.06 -25.57 -6.59
C ASP A 75 2.77 -24.91 -7.12
N GLU A 76 2.06 -25.57 -8.03
CA GLU A 76 0.91 -24.92 -8.69
C GLU A 76 -0.23 -24.69 -7.70
N ALA A 77 -0.38 -25.57 -6.70
CA ALA A 77 -1.47 -25.42 -5.71
C ALA A 77 -1.37 -24.07 -4.99
N THR A 78 -0.17 -23.56 -4.73
CA THR A 78 0.02 -22.30 -3.96
C THR A 78 0.62 -21.20 -4.86
N TYR A 79 0.61 -21.40 -6.18
CA TYR A 79 1.06 -20.39 -7.16
C TYR A 79 2.47 -19.93 -6.75
N THR A 80 3.34 -20.87 -6.35
CA THR A 80 4.75 -20.66 -5.95
C THR A 80 5.66 -20.97 -7.15
N TYR A 81 6.46 -20.00 -7.57
CA TYR A 81 7.58 -20.22 -8.54
C TYR A 81 8.83 -19.42 -8.12
N ASP A 82 9.89 -20.13 -7.74
CA ASP A 82 11.21 -19.56 -7.38
C ASP A 82 12.20 -19.97 -8.46
N TYR A 83 12.96 -19.03 -8.98
CA TYR A 83 13.94 -19.31 -10.05
C TYR A 83 15.13 -18.37 -9.93
N THR A 84 16.25 -18.77 -10.52
CA THR A 84 17.52 -18.04 -10.51
C THR A 84 17.97 -17.78 -11.95
N ILE A 85 18.36 -16.54 -12.24
CA ILE A 85 18.88 -16.03 -13.55
C ILE A 85 20.39 -15.82 -13.39
N SER A 86 21.14 -16.30 -14.37
CA SER A 86 22.60 -16.10 -14.45
C SER A 86 23.05 -16.22 -15.91
N GLY A 87 24.33 -15.96 -16.17
CA GLY A 87 24.87 -16.02 -17.54
C GLY A 87 24.94 -14.63 -18.12
N GLY A 88 24.64 -14.50 -19.42
CA GLY A 88 24.81 -13.21 -20.12
C GLY A 88 26.18 -12.61 -19.88
N THR A 89 27.24 -13.35 -20.21
CA THR A 89 28.59 -12.80 -19.94
C THR A 89 28.78 -11.53 -20.78
N GLY A 90 29.36 -10.51 -20.15
CA GLY A 90 29.58 -9.20 -20.78
C GLY A 90 28.38 -8.29 -20.68
N PHE A 91 27.26 -8.76 -20.12
CA PHE A 91 26.02 -7.93 -20.22
C PHE A 91 25.86 -7.01 -19.01
N GLN A 92 25.84 -7.53 -17.78
CA GLN A 92 25.92 -6.68 -16.56
C GLN A 92 26.85 -7.32 -15.55
N GLU A 93 28.13 -6.92 -15.56
CA GLU A 93 29.25 -7.77 -15.08
C GLU A 93 29.23 -7.92 -13.55
N ILE A 94 28.48 -7.12 -12.80
CA ILE A 94 28.68 -7.14 -11.32
C ILE A 94 27.86 -8.28 -10.69
N LEU A 95 26.87 -8.79 -11.42
CA LEU A 95 25.96 -9.83 -10.88
C LEU A 95 26.60 -11.21 -11.04
N GLU A 96 26.58 -12.03 -9.99
CA GLU A 96 26.78 -13.48 -10.17
C GLU A 96 25.45 -14.08 -10.62
N LYS A 97 24.37 -13.71 -9.93
CA LYS A 97 23.08 -14.37 -10.15
C LYS A 97 21.98 -13.57 -9.46
N VAL A 98 20.75 -13.71 -9.94
CA VAL A 98 19.57 -13.05 -9.31
C VAL A 98 18.53 -14.13 -9.02
N SER A 99 18.15 -14.27 -7.76
CA SER A 99 17.15 -15.26 -7.28
C SER A 99 15.82 -14.54 -6.99
N PHE A 100 14.78 -15.03 -7.64
CA PHE A 100 13.37 -14.62 -7.50
C PHE A 100 12.59 -15.65 -6.70
N LYS A 101 11.81 -15.16 -5.73
CA LYS A 101 10.75 -15.95 -5.07
C LYS A 101 9.41 -15.25 -5.34
N THR A 102 8.50 -15.98 -5.99
CA THR A 102 7.23 -15.42 -6.49
C THR A 102 6.09 -16.24 -5.90
N LYS A 103 5.04 -15.57 -5.45
CA LYS A 103 3.83 -16.26 -4.97
C LYS A 103 2.59 -15.40 -5.27
N LEU A 104 1.50 -16.03 -5.69
CA LEU A 104 0.26 -15.30 -6.00
C LEU A 104 -0.80 -15.75 -4.99
N GLU A 105 -1.72 -14.87 -4.60
CA GLU A 105 -2.92 -15.35 -3.87
C GLU A 105 -4.18 -14.60 -4.30
N ALA A 106 -5.35 -15.18 -4.05
CA ALA A 106 -6.62 -14.52 -4.42
C ALA A 106 -6.70 -13.19 -3.68
N ALA A 107 -7.09 -12.14 -4.39
CA ALA A 107 -7.57 -10.90 -3.75
C ALA A 107 -8.72 -10.33 -4.58
N ASP A 108 -9.91 -10.23 -3.99
CA ASP A 108 -11.06 -9.48 -4.58
C ASP A 108 -11.36 -9.97 -6.00
N GLY A 109 -11.31 -11.27 -6.26
CA GLY A 109 -11.57 -11.82 -7.61
C GLY A 109 -10.38 -11.78 -8.56
N GLY A 110 -9.29 -11.10 -8.19
CA GLY A 110 -8.02 -11.15 -8.94
C GLY A 110 -6.89 -11.74 -8.12
N SER A 111 -5.66 -11.25 -8.35
CA SER A 111 -4.46 -11.74 -7.64
C SER A 111 -3.80 -10.64 -6.82
N LYS A 112 -3.21 -11.04 -5.71
CA LYS A 112 -2.14 -10.32 -5.01
C LYS A 112 -0.82 -10.99 -5.42
N ILE A 113 0.15 -10.21 -5.86
CA ILE A 113 1.41 -10.81 -6.38
C ILE A 113 2.51 -10.45 -5.39
N LYS A 114 3.20 -11.45 -4.86
CA LYS A 114 4.30 -11.15 -3.92
C LYS A 114 5.60 -11.62 -4.59
N VAL A 115 6.54 -10.71 -4.74
CA VAL A 115 7.87 -11.03 -5.30
C VAL A 115 8.94 -10.70 -4.27
N SER A 116 9.84 -11.65 -4.06
CA SER A 116 11.09 -11.38 -3.33
C SER A 116 12.27 -11.60 -4.27
N VAL A 117 13.18 -10.63 -4.37
CA VAL A 117 14.33 -10.83 -5.29
C VAL A 117 15.63 -10.69 -4.50
N THR A 118 16.62 -11.49 -4.87
CA THR A 118 17.95 -11.50 -4.24
C THR A 118 19.01 -11.36 -5.33
N PHE A 119 19.74 -10.25 -5.28
CA PHE A 119 20.86 -9.97 -6.20
C PHE A 119 22.16 -10.46 -5.52
N HIS A 120 22.88 -11.34 -6.20
CA HIS A 120 24.16 -11.89 -5.67
C HIS A 120 25.29 -11.24 -6.43
N THR A 121 26.13 -10.50 -5.73
CA THR A 121 27.22 -9.73 -6.39
C THR A 121 28.55 -10.47 -6.22
N LYS A 122 29.49 -10.19 -7.12
CA LYS A 122 30.89 -10.66 -6.97
C LYS A 122 31.51 -10.04 -5.73
N GLY A 123 31.92 -10.87 -4.78
CA GLY A 123 32.93 -10.49 -3.78
C GLY A 123 32.59 -9.22 -3.02
N ASP A 124 31.37 -9.13 -2.47
CA ASP A 124 31.01 -8.12 -1.43
C ASP A 124 30.83 -6.70 -2.02
N ALA A 125 30.75 -6.60 -3.35
CA ALA A 125 30.36 -5.38 -4.07
C ALA A 125 28.93 -5.02 -3.68
N PRO A 126 28.58 -3.73 -3.54
CA PRO A 126 27.18 -3.32 -3.48
C PRO A 126 26.48 -3.34 -4.85
N LEU A 127 25.15 -3.22 -4.82
CA LEU A 127 24.31 -3.36 -6.03
C LEU A 127 24.17 -1.98 -6.68
N PRO A 128 24.70 -1.77 -7.91
CA PRO A 128 24.51 -0.52 -8.62
C PRO A 128 23.02 -0.29 -8.91
N ASP A 129 22.58 0.97 -8.81
CA ASP A 129 21.20 1.46 -9.09
C ASP A 129 20.76 1.00 -10.48
N GLU A 130 21.60 1.21 -11.49
CA GLU A 130 21.24 0.97 -12.92
C GLU A 130 20.96 -0.52 -13.10
N VAL A 131 21.73 -1.37 -12.43
CA VAL A 131 21.58 -2.84 -12.57
C VAL A 131 20.27 -3.27 -11.90
N HIS A 132 20.01 -2.77 -10.70
CA HIS A 132 18.75 -3.12 -10.02
C HIS A 132 17.57 -2.67 -10.89
N GLN A 133 17.62 -1.46 -11.44
CA GLN A 133 16.50 -0.93 -12.27
C GLN A 133 16.35 -1.77 -13.53
N ASP A 134 17.45 -2.11 -14.17
CA ASP A 134 17.38 -2.86 -15.45
C ASP A 134 16.79 -4.25 -15.19
N VAL A 135 17.24 -4.95 -14.14
CA VAL A 135 16.66 -6.28 -13.81
C VAL A 135 15.20 -6.14 -13.38
N LYS A 136 14.87 -5.16 -12.55
CA LYS A 136 13.45 -4.97 -12.15
C LYS A 136 12.59 -4.67 -13.39
N GLN A 137 13.07 -3.79 -14.27
CA GLN A 137 12.24 -3.41 -15.44
C GLN A 137 11.98 -4.65 -16.31
N LYS A 138 13.00 -5.48 -16.54
CA LYS A 138 12.83 -6.64 -17.43
C LYS A 138 11.87 -7.66 -16.82
N SER A 139 12.07 -7.99 -15.55
CA SER A 139 11.18 -9.03 -14.97
C SER A 139 9.73 -8.52 -14.80
N GLN A 140 9.54 -7.31 -14.29
CA GLN A 140 8.17 -6.70 -14.25
C GLN A 140 7.61 -6.60 -15.67
N GLY A 141 8.44 -6.17 -16.62
CA GLY A 141 7.97 -5.98 -18.00
C GLY A 141 7.51 -7.28 -18.60
N ILE A 142 8.28 -8.35 -18.42
CA ILE A 142 7.85 -9.67 -18.98
C ILE A 142 6.58 -10.16 -18.30
N PHE A 143 6.48 -10.07 -16.98
CA PHE A 143 5.27 -10.54 -16.25
C PHE A 143 4.04 -9.75 -16.71
N LYS A 144 4.16 -8.43 -16.81
CA LYS A 144 3.05 -7.53 -17.24
C LYS A 144 2.66 -7.78 -18.70
N ALA A 145 3.65 -8.04 -19.55
CA ALA A 145 3.34 -8.33 -20.97
C ALA A 145 2.47 -9.59 -21.02
N ILE A 146 2.84 -10.62 -20.27
CA ILE A 146 2.03 -11.86 -20.20
C ILE A 146 0.68 -11.53 -19.55
N GLU A 147 0.69 -10.72 -18.50
CA GLU A 147 -0.57 -10.39 -17.77
C GLU A 147 -1.53 -9.67 -18.71
N GLY A 148 -1.01 -8.71 -19.48
CA GLY A 148 -1.78 -7.99 -20.51
C GLY A 148 -2.27 -8.92 -21.59
N TYR A 149 -1.45 -9.89 -22.00
CA TYR A 149 -1.87 -10.86 -23.03
C TYR A 149 -3.09 -11.63 -22.55
N VAL A 150 -3.10 -12.04 -21.28
CA VAL A 150 -4.23 -12.82 -20.71
C VAL A 150 -5.50 -11.97 -20.74
N LEU A 151 -5.36 -10.69 -20.40
CA LEU A 151 -6.50 -9.73 -20.38
C LEU A 151 -7.02 -9.46 -21.80
N SER A 152 -6.17 -9.60 -22.82
CA SER A 152 -6.48 -9.24 -24.23
C SER A 152 -7.13 -10.42 -24.97
N ASN A 153 -7.38 -11.52 -24.28
CA ASN A 153 -7.97 -12.70 -24.95
C ASN A 153 -9.25 -13.13 -24.23
N GLY B 2 -25.86 8.03 -3.13
CA GLY B 2 -24.80 7.25 -2.47
C GLY B 2 -23.48 7.44 -3.18
N VAL B 3 -22.50 7.99 -2.47
CA VAL B 3 -21.16 8.23 -3.05
C VAL B 3 -20.15 7.30 -2.35
N HIS B 4 -19.44 6.48 -3.09
CA HIS B 4 -18.57 5.46 -2.44
C HIS B 4 -17.17 5.64 -3.02
N THR B 5 -16.21 6.05 -2.20
CA THR B 5 -14.91 6.51 -2.74
C THR B 5 -13.83 5.45 -2.45
N PHE B 6 -12.99 5.13 -3.43
CA PHE B 6 -11.96 4.08 -3.29
C PHE B 6 -10.63 4.64 -3.83
N GLU B 7 -9.55 4.45 -3.08
CA GLU B 7 -8.23 5.00 -3.48
C GLU B 7 -7.21 3.86 -3.64
N GLU B 8 -6.44 3.89 -4.72
CA GLU B 8 -5.49 2.80 -5.03
C GLU B 8 -4.20 3.40 -5.57
N GLU B 9 -3.05 2.89 -5.12
CA GLU B 9 -1.75 3.16 -5.80
C GLU B 9 -1.20 1.86 -6.38
N SER B 10 -0.56 1.97 -7.54
CA SER B 10 0.15 0.84 -8.18
C SER B 10 1.36 1.37 -8.95
N THR B 11 2.14 0.47 -9.53
CA THR B 11 3.41 0.80 -10.21
C THR B 11 3.35 0.27 -11.64
N SER B 12 4.19 0.80 -12.51
CA SER B 12 4.47 0.17 -13.81
C SER B 12 5.96 0.31 -14.08
N PRO B 13 6.60 -0.63 -14.80
CA PRO B 13 7.90 -0.40 -15.42
C PRO B 13 7.85 0.70 -16.49
N VAL B 14 6.68 0.90 -17.08
CA VAL B 14 6.57 1.87 -18.21
C VAL B 14 6.69 3.30 -17.67
N PRO B 15 7.53 4.15 -18.26
CA PRO B 15 7.61 5.55 -17.87
C PRO B 15 6.33 6.38 -18.13
N PRO B 16 6.10 7.46 -17.38
CA PRO B 16 4.79 8.10 -17.36
C PRO B 16 4.36 8.62 -18.76
N ALA B 17 5.28 9.22 -19.50
CA ALA B 17 4.87 9.84 -20.79
C ALA B 17 4.38 8.74 -21.73
N LYS B 18 5.06 7.61 -21.75
CA LYS B 18 4.71 6.52 -22.67
C LYS B 18 3.43 5.83 -22.17
N LEU B 19 3.31 5.70 -20.86
CA LEU B 19 2.10 5.08 -20.28
C LEU B 19 0.90 6.02 -20.49
N PHE B 20 1.09 7.31 -20.30
CA PHE B 20 -0.01 8.29 -20.52
C PHE B 20 -0.45 8.25 -21.99
N LYS B 21 0.52 8.24 -22.91
CA LYS B 21 0.22 8.32 -24.35
C LYS B 21 -0.59 7.09 -24.75
N ALA B 22 -0.17 5.91 -24.32
CA ALA B 22 -0.90 4.71 -24.77
C ALA B 22 -2.28 4.69 -24.13
N THR B 23 -2.37 4.97 -22.83
CA THR B 23 -3.66 4.82 -22.08
C THR B 23 -4.65 5.92 -22.47
N VAL B 24 -4.18 7.14 -22.61
CA VAL B 24 -5.16 8.26 -22.76
C VAL B 24 -5.19 8.75 -24.22
N VAL B 25 -4.05 9.16 -24.76
CA VAL B 25 -4.01 9.71 -26.14
C VAL B 25 -4.36 8.61 -27.16
N ASP B 26 -3.79 7.41 -27.02
CA ASP B 26 -4.00 6.32 -28.01
C ASP B 26 -5.08 5.35 -27.52
N GLY B 27 -5.68 5.64 -26.38
CA GLY B 27 -6.63 4.70 -25.75
C GLY B 27 -7.82 4.39 -26.63
N ASP B 28 -8.34 5.37 -27.36
CA ASP B 28 -9.53 5.16 -28.22
C ASP B 28 -9.20 4.19 -29.35
N GLU B 29 -7.98 4.27 -29.89
CA GLU B 29 -7.50 3.40 -30.99
C GLU B 29 -7.14 2.01 -30.44
N LEU B 30 -6.38 1.93 -29.35
CA LEU B 30 -5.83 0.64 -28.87
C LEU B 30 -6.94 -0.25 -28.27
N THR B 31 -7.88 0.32 -27.52
CA THR B 31 -8.78 -0.45 -26.61
C THR B 31 -9.64 -1.42 -27.43
N PRO B 32 -10.31 -1.01 -28.54
CA PRO B 32 -11.09 -1.95 -29.35
C PRO B 32 -10.22 -3.04 -30.00
N LYS B 33 -8.96 -2.73 -30.25
CA LYS B 33 -8.02 -3.73 -30.84
C LYS B 33 -7.64 -4.76 -29.77
N LEU B 34 -7.19 -4.28 -28.60
CA LEU B 34 -6.74 -5.17 -27.50
C LEU B 34 -7.87 -5.95 -26.81
N ILE B 35 -9.04 -5.33 -26.62
CA ILE B 35 -10.09 -5.93 -25.76
C ILE B 35 -11.17 -6.58 -26.62
N PRO B 36 -11.38 -7.91 -26.54
CA PRO B 36 -12.30 -8.59 -27.43
C PRO B 36 -13.71 -8.03 -27.31
N ALA B 37 -14.18 -7.75 -26.09
CA ALA B 37 -15.60 -7.40 -25.88
C ALA B 37 -15.91 -5.97 -26.34
N ILE B 38 -14.91 -5.10 -26.42
CA ILE B 38 -15.12 -3.68 -26.82
C ILE B 38 -14.97 -3.56 -28.34
N GLN B 39 -16.09 -3.35 -29.04
CA GLN B 39 -16.15 -3.16 -30.52
C GLN B 39 -15.62 -1.79 -30.98
N SER B 40 -16.02 -0.70 -30.31
CA SER B 40 -15.75 0.65 -30.86
C SER B 40 -15.76 1.72 -29.77
N ILE B 41 -15.04 2.81 -30.00
CA ILE B 41 -15.09 4.04 -29.17
C ILE B 41 -15.13 5.23 -30.12
N GLU B 42 -16.21 6.01 -30.08
CA GLU B 42 -16.41 7.16 -30.99
C GLU B 42 -16.70 8.40 -30.17
N ILE B 43 -16.16 9.54 -30.59
CA ILE B 43 -16.49 10.85 -29.97
C ILE B 43 -17.92 11.27 -30.32
N VAL B 44 -18.79 11.33 -29.32
CA VAL B 44 -20.17 11.91 -29.45
C VAL B 44 -20.14 13.44 -29.59
N GLU B 45 -19.34 14.13 -28.78
CA GLU B 45 -19.25 15.61 -28.78
C GLU B 45 -17.88 16.03 -28.24
N GLY B 46 -17.28 17.09 -28.76
CA GLY B 46 -16.11 17.75 -28.18
C GLY B 46 -14.84 17.48 -28.95
N ASN B 47 -13.73 18.08 -28.52
CA ASN B 47 -12.46 18.05 -29.29
C ASN B 47 -11.39 17.26 -28.52
N GLY B 48 -11.77 16.43 -27.55
CA GLY B 48 -10.77 15.70 -26.73
C GLY B 48 -10.34 16.51 -25.51
N GLY B 49 -10.82 17.72 -25.35
CA GLY B 49 -10.62 18.46 -24.09
C GLY B 49 -11.68 18.13 -23.05
N PRO B 50 -11.67 18.77 -21.88
CA PRO B 50 -12.70 18.51 -20.88
C PRO B 50 -14.10 18.83 -21.44
N GLY B 51 -15.05 17.95 -21.15
CA GLY B 51 -16.43 18.02 -21.66
C GLY B 51 -16.65 17.13 -22.87
N THR B 52 -15.59 16.65 -23.48
CA THR B 52 -15.74 15.64 -24.57
C THR B 52 -16.48 14.42 -24.05
N VAL B 53 -17.42 13.91 -24.83
CA VAL B 53 -18.17 12.66 -24.51
C VAL B 53 -17.91 11.65 -25.61
N LYS B 54 -17.55 10.43 -25.20
CA LYS B 54 -17.26 9.30 -26.11
C LYS B 54 -18.28 8.19 -25.82
N LYS B 55 -18.62 7.42 -26.86
CA LYS B 55 -19.48 6.23 -26.74
C LYS B 55 -18.60 4.99 -26.94
N VAL B 56 -18.55 4.14 -25.92
CA VAL B 56 -17.85 2.84 -26.01
C VAL B 56 -18.91 1.79 -26.26
N THR B 57 -18.83 1.09 -27.39
CA THR B 57 -19.76 -0.02 -27.71
C THR B 57 -19.08 -1.36 -27.37
N ALA B 58 -19.77 -2.22 -26.65
CA ALA B 58 -19.23 -3.53 -26.20
C ALA B 58 -20.21 -4.63 -26.61
N VAL B 59 -19.71 -5.77 -27.07
CA VAL B 59 -20.54 -6.98 -27.31
C VAL B 59 -19.94 -8.17 -26.54
N GLU B 60 -20.68 -8.73 -25.59
CA GLU B 60 -20.20 -9.94 -24.89
C GLU B 60 -21.37 -10.90 -24.65
N ASP B 61 -21.18 -12.18 -24.95
CA ASP B 61 -22.18 -13.24 -24.66
C ASP B 61 -23.55 -12.85 -25.22
N GLY B 62 -23.60 -12.35 -26.46
CA GLY B 62 -24.89 -12.04 -27.10
C GLY B 62 -25.46 -10.70 -26.71
N LYS B 63 -24.71 -9.91 -25.93
CA LYS B 63 -25.29 -8.69 -25.36
C LYS B 63 -24.49 -7.50 -25.87
N THR B 64 -25.17 -6.49 -26.41
CA THR B 64 -24.56 -5.19 -26.78
C THR B 64 -24.88 -4.16 -25.69
N SER B 65 -23.89 -3.35 -25.32
CA SER B 65 -24.11 -2.26 -24.34
C SER B 65 -23.31 -1.04 -24.76
N TYR B 66 -23.78 0.13 -24.35
CA TYR B 66 -23.10 1.41 -24.66
C TYR B 66 -22.84 2.14 -23.34
N VAL B 67 -21.58 2.37 -23.03
CA VAL B 67 -21.22 3.25 -21.87
C VAL B 67 -20.78 4.59 -22.44
N LEU B 68 -21.18 5.66 -21.78
CA LEU B 68 -20.74 7.01 -22.14
C LEU B 68 -19.57 7.40 -21.22
N HIS B 69 -18.55 7.93 -21.84
CA HIS B 69 -17.30 8.31 -21.15
C HIS B 69 -17.10 9.81 -21.39
N LYS B 70 -17.07 10.60 -20.33
CA LYS B 70 -16.91 12.08 -20.42
C LYS B 70 -15.58 12.47 -19.77
N ILE B 71 -14.80 13.34 -20.43
CA ILE B 71 -13.53 13.82 -19.83
C ILE B 71 -13.82 14.94 -18.85
N ASP B 72 -13.67 14.68 -17.55
CA ASP B 72 -13.74 15.72 -16.49
C ASP B 72 -12.52 16.65 -16.49
N ALA B 73 -11.33 16.09 -16.71
CA ALA B 73 -10.08 16.88 -16.73
C ALA B 73 -8.99 16.10 -17.45
N ILE B 74 -8.07 16.79 -18.09
CA ILE B 74 -6.94 16.12 -18.79
C ILE B 74 -5.79 17.13 -18.86
N ASP B 75 -4.59 16.72 -18.43
CA ASP B 75 -3.38 17.57 -18.49
C ASP B 75 -2.16 16.73 -18.83
N GLU B 76 -1.67 16.82 -20.07
CA GLU B 76 -0.43 16.16 -20.55
C GLU B 76 0.70 16.32 -19.55
N ALA B 77 0.98 17.55 -19.14
CA ALA B 77 2.21 17.87 -18.38
C ALA B 77 2.28 17.06 -17.08
N THR B 78 1.15 16.81 -16.43
CA THR B 78 1.11 16.13 -15.12
C THR B 78 0.50 14.73 -15.21
N TYR B 79 0.23 14.20 -16.42
CA TYR B 79 -0.35 12.85 -16.59
C TYR B 79 -1.67 12.70 -15.82
N THR B 80 -2.50 13.74 -15.88
CA THR B 80 -3.80 13.78 -15.18
C THR B 80 -4.88 13.44 -16.21
N TYR B 81 -5.78 12.52 -15.85
CA TYR B 81 -6.97 12.19 -16.67
C TYR B 81 -8.10 11.76 -15.75
N ASP B 82 -9.10 12.62 -15.60
CA ASP B 82 -10.31 12.35 -14.80
C ASP B 82 -11.48 12.23 -15.77
N TYR B 83 -12.28 11.18 -15.61
CA TYR B 83 -13.39 10.89 -16.54
C TYR B 83 -14.52 10.26 -15.76
N THR B 84 -15.70 10.29 -16.35
CA THR B 84 -16.90 9.71 -15.74
C THR B 84 -17.57 8.77 -16.74
N ILE B 85 -18.01 7.61 -16.26
CA ILE B 85 -18.64 6.57 -17.10
C ILE B 85 -20.06 6.36 -16.60
N SER B 86 -20.99 6.28 -17.55
CA SER B 86 -22.46 6.23 -17.33
C SER B 86 -23.13 5.55 -18.53
N GLY B 87 -24.44 5.37 -18.48
CA GLY B 87 -25.10 4.63 -19.56
C GLY B 87 -25.22 3.17 -19.23
N GLY B 88 -25.18 2.30 -20.24
CA GLY B 88 -25.43 0.85 -20.11
C GLY B 88 -26.90 0.45 -20.21
N THR B 89 -27.79 1.09 -19.44
CA THR B 89 -29.26 0.87 -19.47
C THR B 89 -29.65 -0.52 -18.93
N GLY B 90 -29.27 -1.61 -19.58
CA GLY B 90 -29.54 -2.95 -19.06
C GLY B 90 -28.54 -3.36 -18.00
N GLN B 92 -25.92 -2.61 -15.24
CA GLN B 92 -25.87 -2.72 -13.76
C GLN B 92 -26.58 -1.51 -13.18
N GLU B 93 -27.85 -1.65 -12.79
CA GLU B 93 -28.78 -0.50 -12.75
C GLU B 93 -28.80 0.17 -11.38
N ILE B 94 -28.02 -0.31 -10.42
CA ILE B 94 -27.79 0.41 -9.14
C ILE B 94 -26.97 1.70 -9.35
N LEU B 95 -25.98 1.64 -10.24
CA LEU B 95 -25.04 2.76 -10.53
C LEU B 95 -25.76 3.86 -11.28
N GLU B 96 -25.60 5.12 -10.86
CA GLU B 96 -25.86 6.26 -11.77
C GLU B 96 -24.61 6.59 -12.61
N LYS B 97 -23.45 6.68 -11.97
CA LYS B 97 -22.21 6.93 -12.72
C LYS B 97 -21.02 6.44 -11.89
N VAL B 98 -19.86 6.30 -12.51
CA VAL B 98 -18.58 6.12 -11.78
C VAL B 98 -17.60 7.19 -12.23
N SER B 99 -17.02 7.93 -11.29
CA SER B 99 -16.02 8.97 -11.59
C SER B 99 -14.61 8.52 -11.21
N PHE B 100 -13.69 8.60 -12.18
CA PHE B 100 -12.28 8.19 -12.02
C PHE B 100 -11.43 9.44 -11.96
N LYS B 101 -10.57 9.55 -10.94
CA LYS B 101 -9.42 10.46 -11.05
C LYS B 101 -8.15 9.63 -11.13
N THR B 102 -7.34 9.90 -12.17
CA THR B 102 -6.09 9.15 -12.43
C THR B 102 -4.94 10.14 -12.57
N LYS B 103 -3.83 9.84 -11.92
CA LYS B 103 -2.59 10.62 -12.12
C LYS B 103 -1.40 9.64 -12.12
N LEU B 104 -0.45 9.84 -13.03
CA LEU B 104 0.82 9.06 -13.12
C LEU B 104 1.98 9.96 -12.68
N GLU B 105 3.01 9.39 -12.07
CA GLU B 105 4.28 10.14 -11.85
C GLU B 105 5.51 9.22 -12.00
N ALA B 106 6.69 9.81 -12.14
CA ALA B 106 7.93 9.02 -12.26
C ALA B 106 8.15 8.20 -10.98
N ALA B 107 8.47 6.92 -11.12
CA ALA B 107 9.05 6.13 -10.01
C ALA B 107 10.07 5.14 -10.56
N ASP B 108 11.33 5.26 -10.16
CA ASP B 108 12.39 4.26 -10.46
C ASP B 108 12.45 3.94 -11.96
N GLY B 109 12.36 4.96 -12.83
CA GLY B 109 12.42 4.78 -14.30
C GLY B 109 11.10 4.35 -14.93
N GLY B 110 10.09 4.03 -14.12
CA GLY B 110 8.74 3.68 -14.56
C GLY B 110 7.75 4.64 -13.96
N SER B 111 6.56 4.15 -13.63
CA SER B 111 5.44 5.02 -13.22
C SER B 111 4.90 4.59 -11.86
N LYS B 112 4.49 5.57 -11.06
CA LYS B 112 3.56 5.39 -9.94
C LYS B 112 2.17 5.81 -10.41
N ILE B 113 1.17 4.99 -10.16
CA ILE B 113 -0.20 5.20 -10.70
C ILE B 113 -1.15 5.46 -9.53
N LYS B 114 -1.73 6.66 -9.49
CA LYS B 114 -2.72 6.99 -8.45
C LYS B 114 -4.10 6.99 -9.11
N VAL B 115 -5.01 6.19 -8.59
CA VAL B 115 -6.42 6.19 -9.03
C VAL B 115 -7.31 6.48 -7.82
N SER B 116 -8.29 7.34 -8.03
CA SER B 116 -9.42 7.57 -7.11
C SER B 116 -10.71 7.30 -7.87
N VAL B 117 -11.47 6.30 -7.43
CA VAL B 117 -12.73 5.93 -8.13
C VAL B 117 -13.91 6.24 -7.21
N THR B 118 -14.90 6.95 -7.74
CA THR B 118 -16.11 7.25 -6.95
C THR B 118 -17.33 6.65 -7.63
N PHE B 119 -18.00 5.71 -6.97
CA PHE B 119 -19.23 5.09 -7.51
C PHE B 119 -20.43 5.89 -6.98
N HIS B 120 -21.28 6.36 -7.89
CA HIS B 120 -22.50 7.12 -7.47
C HIS B 120 -23.72 6.23 -7.69
N THR B 121 -24.44 5.93 -6.60
CA THR B 121 -25.56 4.96 -6.67
C THR B 121 -26.88 5.71 -6.53
N LYS B 122 -27.97 5.02 -6.89
CA LYS B 122 -29.33 5.60 -6.75
C LYS B 122 -29.68 5.73 -5.26
N GLY B 123 -30.12 6.91 -4.87
CA GLY B 123 -30.70 7.11 -3.53
C GLY B 123 -29.70 6.72 -2.47
N ASP B 124 -30.12 5.90 -1.52
CA ASP B 124 -29.33 5.62 -0.29
C ASP B 124 -28.53 4.32 -0.50
N ALA B 125 -28.53 3.83 -1.73
CA ALA B 125 -27.93 2.51 -2.02
C ALA B 125 -26.48 2.49 -1.55
N PRO B 126 -26.06 1.45 -0.81
CA PRO B 126 -24.68 1.02 -0.74
C PRO B 126 -24.17 0.34 -2.01
N LEU B 127 -22.85 0.18 -2.12
CA LEU B 127 -22.25 -0.41 -3.34
C LEU B 127 -22.14 -1.93 -3.15
N PRO B 128 -22.76 -2.75 -4.02
CA PRO B 128 -22.57 -4.18 -4.01
C PRO B 128 -21.11 -4.57 -4.30
N ASP B 129 -20.64 -5.61 -3.62
CA ASP B 129 -19.26 -6.12 -3.76
C ASP B 129 -19.04 -6.50 -5.23
N GLU B 130 -19.99 -7.24 -5.79
CA GLU B 130 -19.90 -7.82 -7.16
C GLU B 130 -19.75 -6.69 -8.17
N VAL B 131 -20.49 -5.60 -7.97
CA VAL B 131 -20.48 -4.43 -8.90
C VAL B 131 -19.14 -3.72 -8.79
N HIS B 132 -18.67 -3.47 -7.57
CA HIS B 132 -17.34 -2.85 -7.31
C HIS B 132 -16.29 -3.68 -8.06
N GLN B 133 -16.36 -4.99 -7.91
CA GLN B 133 -15.27 -5.87 -8.40
C GLN B 133 -15.34 -5.91 -9.93
N ASP B 134 -16.54 -5.94 -10.46
CA ASP B 134 -16.74 -5.99 -11.94
C ASP B 134 -16.26 -4.70 -12.59
N VAL B 135 -16.57 -3.53 -12.02
CA VAL B 135 -16.08 -2.24 -12.59
C VAL B 135 -14.56 -2.13 -12.45
N LYS B 136 -14.04 -2.48 -11.28
CA LYS B 136 -12.58 -2.42 -11.04
C LYS B 136 -11.86 -3.36 -12.01
N GLN B 137 -12.39 -4.57 -12.17
CA GLN B 137 -11.68 -5.59 -13.01
C GLN B 137 -11.64 -5.09 -14.46
N LYS B 138 -12.76 -4.55 -14.95
CA LYS B 138 -12.82 -4.00 -16.33
C LYS B 138 -11.92 -2.77 -16.47
N SER B 139 -11.97 -1.83 -15.53
CA SER B 139 -11.07 -0.66 -15.67
C SER B 139 -9.59 -1.06 -15.54
N GLN B 140 -9.26 -1.90 -14.55
CA GLN B 140 -7.87 -2.39 -14.38
C GLN B 140 -7.47 -3.22 -15.60
N GLY B 141 -8.40 -4.03 -16.10
CA GLY B 141 -8.11 -4.92 -17.23
C GLY B 141 -7.71 -4.14 -18.47
N ILE B 142 -8.44 -3.06 -18.78
CA ILE B 142 -8.16 -2.28 -20.01
C ILE B 142 -6.79 -1.63 -19.87
N PHE B 143 -6.60 -0.97 -18.74
CA PHE B 143 -5.33 -0.27 -18.46
C PHE B 143 -4.13 -1.22 -18.63
N LYS B 144 -4.25 -2.40 -18.00
CA LYS B 144 -3.24 -3.48 -18.00
C LYS B 144 -3.06 -4.07 -19.40
N ALA B 145 -4.13 -4.22 -20.17
CA ALA B 145 -3.98 -4.68 -21.56
C ALA B 145 -3.13 -3.68 -22.35
N ILE B 146 -3.42 -2.39 -22.18
CA ILE B 146 -2.64 -1.34 -22.88
C ILE B 146 -1.20 -1.36 -22.37
N GLU B 147 -1.05 -1.50 -21.06
CA GLU B 147 0.29 -1.48 -20.42
C GLU B 147 1.14 -2.64 -20.97
N GLY B 148 0.52 -3.81 -21.08
CA GLY B 148 1.14 -5.01 -21.67
C GLY B 148 1.49 -4.80 -23.12
N TYR B 149 0.61 -4.13 -23.88
CA TYR B 149 0.83 -3.88 -25.33
C TYR B 149 2.08 -3.02 -25.45
N VAL B 150 2.17 -2.00 -24.61
CA VAL B 150 3.35 -1.08 -24.67
C VAL B 150 4.62 -1.88 -24.37
N LEU B 151 4.56 -2.77 -23.38
CA LEU B 151 5.73 -3.62 -23.01
C LEU B 151 6.12 -4.59 -24.14
N SER B 152 5.15 -5.01 -24.96
CA SER B 152 5.32 -6.00 -26.05
C SER B 152 5.85 -5.35 -27.34
N ASN B 153 6.13 -4.04 -27.33
CA ASN B 153 6.68 -3.29 -28.48
C ASN B 153 7.80 -2.37 -28.01
N GLY C 2 25.40 -8.47 3.43
CA GLY C 2 23.97 -8.52 3.07
C GLY C 2 23.32 -7.16 3.23
N VAL C 3 22.71 -6.63 2.18
CA VAL C 3 21.89 -5.39 2.31
C VAL C 3 20.45 -5.72 1.94
N HIS C 4 19.54 -5.54 2.88
CA HIS C 4 18.14 -5.95 2.67
C HIS C 4 17.24 -4.74 2.89
N THR C 5 16.42 -4.42 1.89
CA THR C 5 15.74 -3.10 1.84
C THR C 5 14.23 -3.33 1.89
N PHE C 6 13.55 -2.59 2.76
CA PHE C 6 12.07 -2.65 2.94
C PHE C 6 11.52 -1.22 2.88
N GLU C 7 10.37 -1.02 2.23
CA GLU C 7 9.75 0.32 2.15
C GLU C 7 8.35 0.24 2.74
N GLU C 8 7.97 1.21 3.56
CA GLU C 8 6.62 1.25 4.20
C GLU C 8 6.00 2.65 4.02
N GLU C 9 4.73 2.72 3.61
CA GLU C 9 3.93 3.98 3.73
C GLU C 9 2.88 3.82 4.82
N SER C 10 2.68 4.87 5.60
CA SER C 10 1.55 4.94 6.56
C SER C 10 1.06 6.39 6.69
N THR C 11 -0.06 6.58 7.36
CA THR C 11 -0.59 7.96 7.55
C THR C 11 -0.81 8.25 9.03
N SER C 12 -0.88 9.53 9.38
CA SER C 12 -1.27 9.94 10.74
C SER C 12 -2.34 11.03 10.64
N PRO C 13 -3.22 11.15 11.64
CA PRO C 13 -4.03 12.33 11.83
C PRO C 13 -3.20 13.58 12.17
N VAL C 14 -2.05 13.41 12.80
CA VAL C 14 -1.18 14.55 13.20
C VAL C 14 -0.57 15.18 11.95
N PRO C 15 -0.55 16.53 11.85
CA PRO C 15 0.14 17.24 10.78
C PRO C 15 1.66 17.10 10.83
N PRO C 16 2.35 17.24 9.69
CA PRO C 16 3.75 16.90 9.58
C PRO C 16 4.63 17.71 10.52
N ALA C 17 4.44 19.01 10.60
CA ALA C 17 5.30 19.85 11.46
C ALA C 17 5.25 19.36 12.91
N LYS C 18 4.04 19.18 13.44
CA LYS C 18 3.80 18.70 14.83
C LYS C 18 4.33 17.27 15.00
N LEU C 19 4.08 16.41 14.01
CA LEU C 19 4.59 15.01 14.08
C LEU C 19 6.12 15.00 14.06
N PHE C 20 6.75 15.77 13.18
CA PHE C 20 8.22 15.80 13.09
C PHE C 20 8.79 16.35 14.40
N LYS C 21 8.15 17.37 14.95
CA LYS C 21 8.69 18.01 16.16
C LYS C 21 8.72 17.00 17.31
N ALA C 22 7.62 16.26 17.49
CA ALA C 22 7.56 15.29 18.60
C ALA C 22 8.55 14.13 18.35
N THR C 23 8.54 13.57 17.15
CA THR C 23 9.35 12.36 16.81
C THR C 23 10.84 12.69 16.74
N VAL C 24 11.19 13.81 16.13
CA VAL C 24 12.64 14.02 15.84
C VAL C 24 13.23 15.07 16.79
N VAL C 25 12.66 16.27 16.80
CA VAL C 25 13.26 17.38 17.59
C VAL C 25 13.15 17.06 19.08
N ASP C 26 12.01 16.54 19.53
CA ASP C 26 11.74 16.24 20.96
C ASP C 26 11.94 14.75 21.24
N GLY C 27 12.42 13.99 20.27
CA GLY C 27 12.42 12.52 20.40
C GLY C 27 13.28 12.07 21.57
N ASP C 28 14.40 12.73 21.80
CA ASP C 28 15.38 12.31 22.83
C ASP C 28 14.78 12.50 24.22
N GLU C 29 13.92 13.51 24.38
CA GLU C 29 13.24 13.84 25.66
C GLU C 29 12.05 12.89 25.87
N LEU C 30 11.21 12.69 24.85
CA LEU C 30 9.93 11.95 25.03
C LEU C 30 10.20 10.44 25.16
N THR C 31 11.15 9.89 24.40
CA THR C 31 11.28 8.42 24.22
C THR C 31 11.54 7.73 25.57
N PRO C 32 12.51 8.17 26.42
CA PRO C 32 12.76 7.54 27.71
C PRO C 32 11.56 7.66 28.65
N LYS C 33 10.78 8.73 28.49
CA LYS C 33 9.58 8.98 29.33
C LYS C 33 8.46 8.00 28.92
N LEU C 34 8.32 7.69 27.63
CA LEU C 34 7.15 6.94 27.11
C LEU C 34 7.43 5.44 26.99
N ILE C 35 8.68 5.04 26.69
CA ILE C 35 9.04 3.61 26.48
C ILE C 35 9.69 3.06 27.76
N PRO C 36 9.03 2.15 28.49
CA PRO C 36 9.59 1.66 29.76
C PRO C 36 11.05 1.20 29.65
N ALA C 37 11.39 0.43 28.60
CA ALA C 37 12.69 -0.28 28.44
C ALA C 37 13.82 0.70 28.14
N ILE C 38 13.53 1.86 27.54
CA ILE C 38 14.53 2.91 27.21
C ILE C 38 14.73 3.81 28.45
N GLN C 39 15.97 3.85 28.93
CA GLN C 39 16.34 4.48 30.21
C GLN C 39 16.86 5.89 29.93
N SER C 40 17.64 6.06 28.86
CA SER C 40 18.28 7.36 28.57
C SER C 40 18.60 7.45 27.09
N ILE C 41 18.57 8.66 26.54
CA ILE C 41 19.27 8.94 25.25
C ILE C 41 20.19 10.12 25.48
N GLU C 42 21.48 9.96 25.19
CA GLU C 42 22.50 10.98 25.51
C GLU C 42 23.35 11.19 24.25
N ILE C 43 23.92 12.39 24.04
CA ILE C 43 24.72 12.65 22.82
C ILE C 43 26.18 12.32 23.13
N VAL C 44 26.72 11.33 22.43
CA VAL C 44 28.16 11.02 22.47
C VAL C 44 28.99 12.09 21.73
N GLU C 45 28.50 12.57 20.58
CA GLU C 45 29.28 13.51 19.74
C GLU C 45 28.33 14.33 18.87
N GLY C 46 28.62 15.64 18.74
CA GLY C 46 28.03 16.55 17.74
C GLY C 46 26.85 17.36 18.24
N ASN C 47 26.21 18.13 17.35
CA ASN C 47 25.40 19.32 17.69
C ASN C 47 23.95 19.12 17.26
N GLY C 48 23.54 17.87 17.03
CA GLY C 48 22.17 17.53 16.57
C GLY C 48 22.01 17.60 15.06
N GLY C 49 23.05 18.03 14.33
CA GLY C 49 23.12 17.99 12.86
C GLY C 49 23.65 16.65 12.34
N PRO C 50 23.83 16.52 11.00
CA PRO C 50 24.41 15.31 10.41
C PRO C 50 25.74 14.92 11.05
N GLY C 51 25.89 13.64 11.42
CA GLY C 51 27.13 13.09 12.03
C GLY C 51 27.04 13.01 13.54
N THR C 52 26.03 13.64 14.15
CA THR C 52 25.69 13.49 15.58
C THR C 52 25.47 12.01 15.90
N VAL C 53 26.13 11.51 16.93
CA VAL C 53 25.90 10.13 17.44
C VAL C 53 25.29 10.25 18.84
N LYS C 54 24.27 9.43 19.09
CA LYS C 54 23.57 9.33 20.40
C LYS C 54 23.68 7.90 20.90
N LYS C 55 23.73 7.76 22.22
CA LYS C 55 23.67 6.44 22.90
C LYS C 55 22.28 6.29 23.52
N VAL C 56 21.56 5.26 23.09
CA VAL C 56 20.26 4.87 23.69
C VAL C 56 20.52 3.75 24.68
N THR C 57 20.25 3.97 25.95
CA THR C 57 20.42 2.88 26.94
C THR C 57 19.04 2.26 27.20
N ALA C 58 18.96 0.95 27.04
CA ALA C 58 17.75 0.15 27.29
C ALA C 58 18.05 -0.91 28.36
N VAL C 59 17.11 -1.14 29.26
CA VAL C 59 17.11 -2.30 30.20
C VAL C 59 15.78 -3.04 30.05
N GLU C 60 15.81 -4.34 29.79
CA GLU C 60 14.59 -5.19 30.00
C GLU C 60 14.97 -6.61 30.44
N ASP C 61 14.18 -7.15 31.37
CA ASP C 61 14.37 -8.54 31.90
C ASP C 61 15.81 -8.72 32.39
N GLY C 62 16.38 -7.73 33.08
CA GLY C 62 17.73 -7.84 33.67
C GLY C 62 18.85 -7.58 32.68
N LYS C 63 18.54 -7.26 31.43
CA LYS C 63 19.62 -7.12 30.43
C LYS C 63 19.76 -5.66 30.00
N THR C 64 20.97 -5.14 30.02
CA THR C 64 21.27 -3.74 29.66
C THR C 64 21.91 -3.73 28.28
N SER C 65 21.42 -2.89 27.37
CA SER C 65 22.04 -2.75 26.03
C SER C 65 22.25 -1.28 25.68
N TYR C 66 23.23 -1.00 24.83
CA TYR C 66 23.51 0.35 24.33
C TYR C 66 23.56 0.28 22.81
N VAL C 67 22.54 0.84 22.16
CA VAL C 67 22.59 0.96 20.67
C VAL C 67 22.99 2.40 20.36
N LEU C 68 23.85 2.56 19.36
CA LEU C 68 24.28 3.89 18.89
C LEU C 68 23.39 4.31 17.71
N HIS C 69 23.03 5.58 17.70
CA HIS C 69 22.08 6.15 16.71
C HIS C 69 22.74 7.39 16.12
N LYS C 70 23.07 7.34 14.84
CA LYS C 70 23.85 8.38 14.14
C LYS C 70 22.91 9.08 13.15
N ILE C 71 22.92 10.40 13.10
CA ILE C 71 22.07 11.14 12.11
C ILE C 71 22.84 11.21 10.79
N ASP C 72 22.33 10.52 9.78
CA ASP C 72 22.77 10.60 8.36
C ASP C 72 22.35 11.93 7.69
N ALA C 73 21.08 12.32 7.88
CA ALA C 73 20.52 13.56 7.32
C ALA C 73 19.40 14.08 8.21
N ILE C 74 19.27 15.39 8.31
CA ILE C 74 18.02 16.00 8.83
C ILE C 74 17.72 17.24 8.01
N ASP C 75 16.46 17.41 7.61
CA ASP C 75 15.99 18.71 7.06
C ASP C 75 14.62 19.09 7.64
N GLU C 76 14.58 20.07 8.55
CA GLU C 76 13.34 20.66 9.13
C GLU C 76 12.28 20.89 8.05
N ALA C 77 12.67 21.59 6.99
CA ALA C 77 11.75 22.16 5.96
C ALA C 77 10.94 21.04 5.32
N THR C 78 11.57 19.87 5.10
CA THR C 78 10.93 18.76 4.36
C THR C 78 10.62 17.59 5.30
N TYR C 79 10.80 17.75 6.61
CA TYR C 79 10.52 16.67 7.59
C TYR C 79 11.29 15.39 7.20
N THR C 80 12.56 15.55 6.85
CA THR C 80 13.47 14.47 6.45
C THR C 80 14.33 14.15 7.68
N TYR C 81 14.30 12.90 8.11
CA TYR C 81 15.27 12.41 9.12
C TYR C 81 15.78 11.04 8.70
N ASP C 82 17.07 10.92 8.40
CA ASP C 82 17.69 9.62 8.08
C ASP C 82 18.70 9.29 9.18
N TYR C 83 18.62 8.08 9.72
CA TYR C 83 19.54 7.70 10.82
C TYR C 83 19.89 6.21 10.76
N THR C 84 20.99 5.88 11.43
CA THR C 84 21.56 4.51 11.42
C THR C 84 21.69 4.01 12.85
N ILE C 85 21.25 2.79 13.11
CA ILE C 85 21.37 2.14 14.44
C ILE C 85 22.39 0.99 14.36
N SER C 86 23.30 0.96 15.32
CA SER C 86 24.40 -0.04 15.43
C SER C 86 24.78 -0.24 16.90
N GLY C 87 25.70 -1.17 17.19
CA GLY C 87 26.05 -1.52 18.57
C GLY C 87 25.10 -2.57 19.09
N GLY C 88 24.61 -2.42 20.32
CA GLY C 88 23.84 -3.45 21.04
C GLY C 88 24.56 -4.79 21.09
N THR C 89 25.82 -4.81 21.53
CA THR C 89 26.67 -6.03 21.48
C THR C 89 25.93 -7.17 22.16
N GLY C 90 25.86 -8.32 21.50
CA GLY C 90 25.28 -9.53 22.10
C GLY C 90 23.78 -9.59 21.99
N PHE C 91 23.19 -8.71 21.17
CA PHE C 91 21.75 -8.80 20.83
C PHE C 91 21.61 -8.65 19.31
N GLN C 92 20.91 -9.59 18.68
CA GLN C 92 20.78 -9.64 17.21
C GLN C 92 22.17 -9.52 16.59
N GLU C 93 23.01 -10.51 16.87
CA GLU C 93 24.44 -10.48 16.50
C GLU C 93 24.62 -10.57 14.97
N ILE C 94 23.57 -10.86 14.21
CA ILE C 94 23.72 -10.98 12.72
C ILE C 94 23.84 -9.59 12.05
N LEU C 95 23.28 -8.55 12.67
CA LEU C 95 23.24 -7.18 12.07
C LEU C 95 24.55 -6.44 12.30
N GLU C 96 25.19 -5.92 11.25
CA GLU C 96 26.14 -4.79 11.41
C GLU C 96 25.39 -3.53 11.86
N LYS C 97 24.27 -3.21 11.22
CA LYS C 97 23.62 -1.88 11.37
C LYS C 97 22.30 -1.88 10.61
N VAL C 98 21.42 -0.94 10.96
CA VAL C 98 20.11 -0.75 10.27
C VAL C 98 19.95 0.74 9.97
N SER C 99 19.85 1.06 8.69
CA SER C 99 19.74 2.45 8.21
C SER C 99 18.27 2.75 7.90
N PHE C 100 17.75 3.83 8.48
CA PHE C 100 16.39 4.33 8.24
C PHE C 100 16.48 5.63 7.42
N LYS C 101 15.68 5.72 6.35
CA LYS C 101 15.36 7.03 5.73
C LYS C 101 13.88 7.32 5.96
N THR C 102 13.57 8.45 6.58
CA THR C 102 12.17 8.79 6.95
C THR C 102 11.84 10.17 6.39
N LYS C 103 10.61 10.29 5.90
CA LYS C 103 10.07 11.57 5.36
C LYS C 103 8.57 11.67 5.68
N LEU C 104 8.11 12.82 6.15
CA LEU C 104 6.66 13.10 6.36
C LEU C 104 6.17 14.06 5.26
N GLU C 105 4.93 13.92 4.82
CA GLU C 105 4.34 15.02 4.01
C GLU C 105 2.87 15.21 4.38
N ALA C 106 2.29 16.37 4.06
CA ALA C 106 0.88 16.64 4.40
C ALA C 106 -0.03 15.62 3.70
N ALA C 107 -1.00 15.06 4.42
CA ALA C 107 -2.11 14.36 3.76
C ALA C 107 -3.42 14.60 4.50
N ASP C 108 -4.43 15.13 3.82
CA ASP C 108 -5.78 15.33 4.42
C ASP C 108 -5.69 15.97 5.82
N GLY C 109 -4.85 16.98 5.99
CA GLY C 109 -4.76 17.69 7.30
C GLY C 109 -3.97 16.94 8.37
N GLY C 110 -3.52 15.71 8.10
CA GLY C 110 -2.53 14.95 8.86
C GLY C 110 -1.31 14.68 8.01
N SER C 111 -0.72 13.50 8.16
CA SER C 111 0.62 13.18 7.61
C SER C 111 0.62 11.90 6.78
N LYS C 112 1.44 11.90 5.73
CA LYS C 112 1.89 10.71 4.97
C LYS C 112 3.29 10.35 5.47
N ILE C 113 3.49 9.13 5.96
CA ILE C 113 4.83 8.79 6.52
C ILE C 113 5.56 7.85 5.55
N LYS C 114 6.72 8.27 5.08
CA LYS C 114 7.42 7.41 4.12
C LYS C 114 8.71 6.94 4.80
N VAL C 115 8.84 5.63 4.97
CA VAL C 115 10.03 5.03 5.62
C VAL C 115 10.69 4.07 4.63
N SER C 116 11.99 4.17 4.50
CA SER C 116 12.82 3.13 3.84
C SER C 116 13.82 2.59 4.87
N VAL C 117 13.82 1.27 5.09
CA VAL C 117 14.70 0.65 6.13
C VAL C 117 15.70 -0.27 5.44
N THR C 118 16.98 -0.11 5.72
CA THR C 118 17.98 -1.02 5.11
C THR C 118 18.72 -1.79 6.21
N PHE C 119 18.61 -3.11 6.19
CA PHE C 119 19.28 -3.97 7.19
C PHE C 119 20.63 -4.44 6.61
N HIS C 120 21.72 -4.12 7.29
CA HIS C 120 23.06 -4.55 6.84
C HIS C 120 23.51 -5.71 7.72
N THR C 121 23.59 -6.91 7.15
CA THR C 121 23.86 -8.15 7.93
C THR C 121 25.33 -8.53 7.81
N LYS C 122 25.82 -9.35 8.75
CA LYS C 122 27.22 -9.85 8.76
C LYS C 122 27.48 -10.69 7.51
N GLY C 123 28.52 -10.40 6.75
CA GLY C 123 28.94 -11.32 5.67
C GLY C 123 27.91 -11.38 4.57
N ASP C 124 27.47 -12.58 4.18
CA ASP C 124 26.45 -12.78 3.11
C ASP C 124 25.11 -13.18 3.72
N ALA C 125 24.95 -12.95 5.01
CA ALA C 125 23.76 -13.47 5.70
C ALA C 125 22.49 -12.90 5.06
N PRO C 126 21.47 -13.76 4.83
CA PRO C 126 20.09 -13.30 4.67
C PRO C 126 19.45 -12.81 5.97
N LEU C 127 18.35 -12.07 5.87
CA LEU C 127 17.77 -11.43 7.06
C LEU C 127 16.73 -12.36 7.71
N PRO C 128 16.96 -12.82 8.94
CA PRO C 128 15.98 -13.64 9.66
C PRO C 128 14.68 -12.88 9.91
N ASP C 129 13.55 -13.58 9.78
CA ASP C 129 12.22 -12.95 9.94
C ASP C 129 12.10 -12.41 11.38
N GLU C 130 12.56 -13.16 12.37
CA GLU C 130 12.45 -12.73 13.79
C GLU C 130 13.19 -11.41 13.98
N VAL C 131 14.34 -11.25 13.34
CA VAL C 131 15.17 -10.04 13.49
C VAL C 131 14.48 -8.85 12.83
N HIS C 132 13.93 -9.06 11.64
CA HIS C 132 13.24 -7.99 10.88
C HIS C 132 12.04 -7.57 11.72
N GLN C 133 11.31 -8.56 12.23
CA GLN C 133 10.09 -8.30 13.03
C GLN C 133 10.47 -7.56 14.31
N ASP C 134 11.57 -7.95 14.94
CA ASP C 134 11.97 -7.28 16.20
C ASP C 134 12.33 -5.81 15.94
N VAL C 135 13.08 -5.54 14.87
CA VAL C 135 13.48 -4.14 14.55
C VAL C 135 12.24 -3.29 14.17
N LYS C 136 11.40 -3.80 13.28
CA LYS C 136 10.16 -3.09 12.86
C LYS C 136 9.34 -2.81 14.12
N GLN C 137 9.09 -3.82 14.94
CA GLN C 137 8.17 -3.65 16.08
C GLN C 137 8.73 -2.54 16.99
N LYS C 138 10.04 -2.50 17.18
CA LYS C 138 10.62 -1.48 18.09
C LYS C 138 10.52 -0.10 17.44
N SER C 139 11.02 0.07 16.21
CA SER C 139 11.05 1.43 15.61
C SER C 139 9.62 1.97 15.43
N GLN C 140 8.72 1.15 14.92
CA GLN C 140 7.30 1.57 14.77
C GLN C 140 6.72 1.85 16.15
N GLY C 141 7.03 1.02 17.13
CA GLY C 141 6.44 1.18 18.47
C GLY C 141 6.82 2.51 19.09
N ILE C 142 8.07 2.90 18.98
CA ILE C 142 8.50 4.18 19.60
C ILE C 142 7.77 5.32 18.87
N PHE C 143 7.81 5.31 17.55
CA PHE C 143 7.15 6.33 16.70
C PHE C 143 5.67 6.48 17.08
N LYS C 144 4.98 5.36 17.23
CA LYS C 144 3.52 5.35 17.51
C LYS C 144 3.20 5.73 18.96
N ALA C 145 4.09 5.43 19.91
CA ALA C 145 3.98 5.94 21.30
C ALA C 145 4.10 7.46 21.31
N ILE C 146 5.07 8.01 20.60
CA ILE C 146 5.21 9.49 20.51
C ILE C 146 3.97 10.08 19.82
N GLU C 147 3.52 9.42 18.75
CA GLU C 147 2.38 9.88 17.94
C GLU C 147 1.13 9.90 18.83
N GLY C 148 0.92 8.84 19.61
CA GLY C 148 -0.21 8.81 20.54
C GLY C 148 -0.12 9.91 21.58
N TYR C 149 1.08 10.17 22.06
CA TYR C 149 1.27 11.18 23.12
C TYR C 149 0.85 12.54 22.60
N VAL C 150 1.25 12.87 21.37
CA VAL C 150 0.85 14.16 20.73
C VAL C 150 -0.68 14.23 20.64
N LEU C 151 -1.33 13.14 20.25
CA LEU C 151 -2.81 13.06 20.12
C LEU C 151 -3.51 13.15 21.48
N SER C 152 -2.82 12.80 22.57
CA SER C 152 -3.37 12.81 23.95
C SER C 152 -3.23 14.20 24.57
N ASN C 153 -2.61 15.15 23.85
CA ASN C 153 -2.42 16.55 24.33
C ASN C 153 -2.86 17.59 23.28
N GLY D 2 -28.47 10.78 2.23
CA GLY D 2 -27.22 10.50 1.47
C GLY D 2 -26.29 9.58 2.25
N VAL D 3 -25.66 8.63 1.55
CA VAL D 3 -24.72 7.64 2.12
C VAL D 3 -23.39 7.80 1.37
N HIS D 4 -22.34 8.07 2.13
CA HIS D 4 -20.99 8.36 1.59
C HIS D 4 -20.01 7.40 2.29
N THR D 5 -19.39 6.48 1.54
CA THR D 5 -18.53 5.43 2.09
C THR D 5 -17.06 5.69 1.74
N PHE D 6 -16.20 5.39 2.72
CA PHE D 6 -14.72 5.39 2.61
C PHE D 6 -14.18 4.13 3.28
N GLU D 7 -13.08 3.59 2.76
CA GLU D 7 -12.35 2.45 3.39
C GLU D 7 -10.90 2.87 3.58
N GLU D 8 -10.29 2.40 4.68
CA GLU D 8 -8.89 2.68 5.03
C GLU D 8 -8.27 1.44 5.66
N GLU D 9 -7.09 1.07 5.17
CA GLU D 9 -6.25 -0.03 5.73
C GLU D 9 -4.98 0.55 6.33
N SER D 10 -4.65 0.12 7.55
CA SER D 10 -3.42 0.54 8.25
C SER D 10 -2.80 -0.66 8.97
N THR D 11 -1.59 -0.50 9.49
CA THR D 11 -0.98 -1.58 10.31
C THR D 11 -0.61 -1.04 11.68
N SER D 12 -0.51 -1.94 12.65
CA SER D 12 0.02 -1.62 13.99
C SER D 12 1.08 -2.67 14.35
N PRO D 13 2.13 -2.31 15.09
CA PRO D 13 3.04 -3.27 15.72
C PRO D 13 2.33 -4.11 16.80
N VAL D 14 1.32 -3.54 17.45
CA VAL D 14 0.51 -4.28 18.47
C VAL D 14 -0.25 -5.46 17.84
N PRO D 15 -0.19 -6.65 18.46
CA PRO D 15 -0.95 -7.79 17.98
C PRO D 15 -2.46 -7.62 18.17
N PRO D 16 -3.28 -8.33 17.38
CA PRO D 16 -4.71 -8.06 17.32
C PRO D 16 -5.42 -8.13 18.68
N ALA D 17 -5.27 -9.23 19.41
CA ALA D 17 -5.99 -9.47 20.70
C ALA D 17 -5.73 -8.27 21.62
N LYS D 18 -4.48 -7.85 21.69
CA LYS D 18 -4.03 -6.76 22.58
C LYS D 18 -4.66 -5.45 22.10
N LEU D 19 -4.55 -5.18 20.81
CA LEU D 19 -5.09 -3.95 20.19
C LEU D 19 -6.60 -3.91 20.36
N PHE D 20 -7.31 -5.03 20.14
CA PHE D 20 -8.79 -5.10 20.32
C PHE D 20 -9.15 -4.83 21.79
N LYS D 21 -8.46 -5.47 22.75
CA LYS D 21 -8.69 -5.32 24.21
C LYS D 21 -8.66 -3.85 24.62
N ALA D 22 -7.61 -3.12 24.19
CA ALA D 22 -7.40 -1.73 24.61
C ALA D 22 -8.42 -0.81 23.92
N THR D 23 -8.65 -1.03 22.62
CA THR D 23 -9.49 -0.09 21.82
C THR D 23 -10.97 -0.37 22.11
N VAL D 24 -11.37 -1.64 22.13
CA VAL D 24 -12.83 -1.91 22.22
C VAL D 24 -13.22 -2.33 23.64
N VAL D 25 -12.59 -3.36 24.19
CA VAL D 25 -13.04 -3.90 25.50
C VAL D 25 -12.82 -2.85 26.61
N ASP D 26 -11.66 -2.21 26.65
CA ASP D 26 -11.36 -1.24 27.71
C ASP D 26 -11.47 0.19 27.16
N GLY D 27 -11.94 0.33 25.92
CA GLY D 27 -11.98 1.67 25.32
C GLY D 27 -12.78 2.66 26.17
N ASP D 28 -13.84 2.20 26.82
CA ASP D 28 -14.65 3.15 27.62
C ASP D 28 -13.82 3.64 28.80
N GLU D 29 -13.01 2.76 29.41
CA GLU D 29 -12.12 3.16 30.53
C GLU D 29 -11.03 4.09 30.02
N LEU D 30 -10.42 3.76 28.88
CA LEU D 30 -9.14 4.40 28.48
C LEU D 30 -9.41 5.77 27.85
N THR D 31 -10.49 5.89 27.08
CA THR D 31 -10.64 7.08 26.20
C THR D 31 -10.71 8.37 27.04
N PRO D 32 -11.51 8.43 28.12
CA PRO D 32 -11.59 9.62 28.97
C PRO D 32 -10.24 9.92 29.63
N LYS D 33 -9.51 8.88 30.01
CA LYS D 33 -8.19 9.04 30.67
C LYS D 33 -7.20 9.68 29.69
N LEU D 34 -7.25 9.29 28.43
CA LEU D 34 -6.16 9.65 27.47
C LEU D 34 -6.51 10.92 26.69
N ILE D 35 -7.78 11.17 26.39
CA ILE D 35 -8.20 12.34 25.56
C ILE D 35 -8.71 13.44 26.49
N PRO D 36 -8.00 14.57 26.67
CA PRO D 36 -8.48 15.61 27.57
C PRO D 36 -9.93 16.05 27.29
N ALA D 37 -10.29 16.22 26.00
CA ALA D 37 -11.60 16.70 25.47
C ALA D 37 -12.76 15.77 25.83
N ILE D 38 -12.53 14.45 25.97
CA ILE D 38 -13.57 13.45 26.34
C ILE D 38 -13.62 13.36 27.88
N GLN D 39 -14.78 13.70 28.43
CA GLN D 39 -14.99 13.84 29.88
C GLN D 39 -15.53 12.52 30.46
N SER D 40 -16.42 11.85 29.75
CA SER D 40 -16.92 10.53 30.19
C SER D 40 -17.48 9.73 29.01
N ILE D 41 -17.53 8.41 29.16
CA ILE D 41 -18.37 7.50 28.34
C ILE D 41 -19.20 6.65 29.29
N GLU D 42 -20.53 6.79 29.24
CA GLU D 42 -21.42 6.02 30.14
C GLU D 42 -22.43 5.24 29.30
N ILE D 43 -22.85 4.08 29.79
CA ILE D 43 -23.87 3.28 29.06
C ILE D 43 -25.23 3.90 29.35
N VAL D 44 -25.93 4.33 28.30
CA VAL D 44 -27.39 4.64 28.36
C VAL D 44 -28.24 3.37 28.43
N GLU D 45 -27.93 2.36 27.62
CA GLU D 45 -28.81 1.16 27.58
C GLU D 45 -28.01 -0.03 27.07
N GLY D 46 -28.29 -1.23 27.60
CA GLY D 46 -27.73 -2.51 27.13
C GLY D 46 -26.57 -2.99 27.98
N ASN D 47 -26.04 -4.16 27.62
CA ASN D 47 -25.12 -4.95 28.48
C ASN D 47 -23.72 -4.94 27.88
N GLY D 48 -23.47 -4.14 26.86
CA GLY D 48 -22.15 -4.12 26.22
C GLY D 48 -22.14 -4.97 24.97
N GLY D 49 -23.24 -5.67 24.72
CA GLY D 49 -23.45 -6.43 23.47
C GLY D 49 -24.04 -5.56 22.36
N PRO D 50 -24.33 -6.15 21.18
CA PRO D 50 -25.05 -5.47 20.11
C PRO D 50 -26.33 -4.77 20.60
N GLY D 51 -26.52 -3.50 20.25
CA GLY D 51 -27.72 -2.70 20.59
C GLY D 51 -27.45 -1.76 21.74
N THR D 52 -26.35 -1.98 22.49
CA THR D 52 -25.89 -1.10 23.59
C THR D 52 -25.71 0.32 23.07
N VAL D 53 -26.30 1.30 23.74
CA VAL D 53 -26.03 2.75 23.45
C VAL D 53 -25.24 3.35 24.62
N LYS D 54 -24.23 4.14 24.27
CA LYS D 54 -23.33 4.87 25.20
C LYS D 54 -23.44 6.37 24.93
N LYS D 55 -23.29 7.16 25.97
CA LYS D 55 -23.20 8.64 25.88
C LYS D 55 -21.75 9.07 26.07
N VAL D 56 -21.17 9.68 25.05
CA VAL D 56 -19.83 10.30 25.16
C VAL D 56 -20.01 11.80 25.41
N THR D 57 -19.46 12.28 26.52
CA THR D 57 -19.55 13.69 26.92
C THR D 57 -18.19 14.31 26.61
N ALA D 58 -18.18 15.41 25.87
CA ALA D 58 -16.92 16.06 25.45
C ALA D 58 -17.01 17.55 25.79
N VAL D 59 -15.87 18.14 26.16
CA VAL D 59 -15.71 19.60 26.34
C VAL D 59 -14.64 20.11 25.39
N GLU D 60 -14.97 21.15 24.63
CA GLU D 60 -14.03 21.75 23.64
C GLU D 60 -14.30 23.24 23.58
N ASP D 61 -13.24 24.06 23.65
CA ASP D 61 -13.35 25.54 23.57
C ASP D 61 -14.39 26.07 24.57
N GLY D 62 -14.44 25.53 25.79
CA GLY D 62 -15.44 25.87 26.82
C GLY D 62 -16.76 25.14 26.66
N LYS D 63 -16.96 24.36 25.60
CA LYS D 63 -18.34 24.02 25.16
C LYS D 63 -18.59 22.50 25.28
N THR D 64 -19.70 22.11 25.90
CA THR D 64 -19.94 20.69 26.26
C THR D 64 -20.94 20.06 25.29
N SER D 65 -20.60 18.91 24.71
CA SER D 65 -21.41 18.24 23.67
C SER D 65 -21.58 16.76 23.99
N TYR D 66 -22.64 16.16 23.48
CA TYR D 66 -22.98 14.76 23.75
C TYR D 66 -23.09 14.05 22.40
N VAL D 67 -22.23 13.08 22.12
CA VAL D 67 -22.49 12.19 20.96
C VAL D 67 -22.92 10.83 21.50
N LEU D 68 -23.91 10.20 20.88
CA LEU D 68 -24.37 8.84 21.25
C LEU D 68 -23.70 7.81 20.34
N HIS D 69 -23.33 6.68 20.93
CA HIS D 69 -22.54 5.62 20.27
C HIS D 69 -23.27 4.29 20.48
N LYS D 70 -23.77 3.67 19.39
CA LYS D 70 -24.51 2.38 19.41
C LYS D 70 -23.56 1.26 18.93
N ILE D 71 -23.52 0.13 19.61
CA ILE D 71 -22.79 -1.07 19.12
C ILE D 71 -23.66 -1.76 18.07
N ASP D 72 -23.17 -1.90 16.85
CA ASP D 72 -23.94 -2.59 15.77
C ASP D 72 -23.55 -4.07 15.75
N ALA D 73 -22.25 -4.39 15.90
CA ALA D 73 -21.77 -5.78 16.02
C ALA D 73 -20.48 -5.79 16.85
N ILE D 74 -20.28 -6.86 17.60
CA ILE D 74 -18.98 -7.05 18.32
C ILE D 74 -18.70 -8.54 18.36
N ASP D 75 -17.50 -8.93 17.89
CA ASP D 75 -17.06 -10.34 17.96
C ASP D 75 -15.58 -10.36 18.34
N GLU D 76 -15.27 -10.70 19.58
CA GLU D 76 -13.86 -10.74 20.07
C GLU D 76 -13.03 -11.74 19.26
N ALA D 77 -13.57 -12.92 18.92
CA ALA D 77 -12.85 -13.97 18.17
C ALA D 77 -12.25 -13.41 16.86
N THR D 78 -12.93 -12.49 16.19
CA THR D 78 -12.52 -11.95 14.85
C THR D 78 -12.13 -10.48 14.92
N TYR D 79 -12.04 -9.88 16.11
CA TYR D 79 -11.61 -8.47 16.33
C TYR D 79 -12.55 -7.56 15.51
N THR D 80 -13.85 -7.87 15.49
CA THR D 80 -14.94 -7.14 14.78
C THR D 80 -15.59 -6.18 15.78
N TYR D 81 -15.58 -4.89 15.49
CA TYR D 81 -16.38 -3.88 16.22
C TYR D 81 -16.96 -2.86 15.22
N ASP D 82 -18.28 -2.90 15.09
CA ASP D 82 -19.08 -2.00 14.23
C ASP D 82 -19.92 -1.14 15.16
N TYR D 83 -19.91 0.17 14.98
CA TYR D 83 -20.66 1.11 15.85
C TYR D 83 -21.09 2.33 15.04
N THR D 84 -22.10 3.02 15.55
CA THR D 84 -22.70 4.23 14.92
C THR D 84 -22.68 5.37 15.92
N ILE D 85 -22.17 6.54 15.51
CA ILE D 85 -22.15 7.81 16.31
C ILE D 85 -23.19 8.78 15.74
N SER D 86 -23.95 9.40 16.62
CA SER D 86 -25.04 10.36 16.31
C SER D 86 -25.13 11.40 17.43
N GLY D 87 -25.89 12.48 17.29
CA GLY D 87 -26.07 13.39 18.44
C GLY D 87 -25.19 14.62 18.34
N GLY D 88 -24.90 15.31 19.43
CA GLY D 88 -24.28 16.64 19.36
C GLY D 88 -25.25 17.66 18.77
N PHE D 91 -21.15 18.69 17.89
CA PHE D 91 -21.27 17.91 16.62
C PHE D 91 -21.58 18.88 15.48
N GLN D 92 -21.99 18.36 14.32
CA GLN D 92 -21.83 19.05 13.01
C GLN D 92 -23.06 18.76 12.13
N GLU D 93 -23.73 19.82 11.63
CA GLU D 93 -25.19 19.78 11.34
C GLU D 93 -25.57 18.79 10.22
N ILE D 94 -24.75 18.66 9.17
CA ILE D 94 -25.18 17.94 7.93
C ILE D 94 -25.42 16.45 8.23
N LEU D 95 -24.63 15.89 9.14
CA LEU D 95 -24.68 14.44 9.48
C LEU D 95 -25.99 14.14 10.21
N GLU D 96 -26.69 13.08 9.79
CA GLU D 96 -27.57 12.31 10.69
C GLU D 96 -26.69 11.45 11.62
N LYS D 97 -25.80 10.65 11.03
CA LYS D 97 -25.04 9.66 11.82
C LYS D 97 -23.83 9.19 11.01
N VAL D 98 -22.85 8.62 11.70
CA VAL D 98 -21.64 8.03 11.05
C VAL D 98 -21.49 6.60 11.54
N SER D 99 -21.50 5.64 10.61
CA SER D 99 -21.42 4.18 10.88
C SER D 99 -20.03 3.65 10.51
N PHE D 100 -19.36 3.04 11.49
CA PHE D 100 -18.01 2.45 11.41
C PHE D 100 -18.10 0.92 11.41
N LYS D 101 -17.35 0.27 10.49
CA LYS D 101 -17.09 -1.18 10.55
C LYS D 101 -15.56 -1.37 10.63
N THR D 102 -15.10 -2.01 11.70
CA THR D 102 -13.68 -2.16 12.05
C THR D 102 -13.38 -3.65 12.22
N LYS D 103 -12.27 -4.07 11.61
CA LYS D 103 -11.78 -5.46 11.77
C LYS D 103 -10.25 -5.44 11.85
N LEU D 104 -9.72 -6.17 12.82
CA LEU D 104 -8.26 -6.36 13.02
C LEU D 104 -7.89 -7.76 12.51
N GLU D 105 -6.68 -7.92 12.01
CA GLU D 105 -6.14 -9.29 11.76
C GLU D 105 -4.61 -9.29 11.89
N ALA D 106 -4.03 -10.48 12.10
CA ALA D 106 -2.58 -10.58 12.35
C ALA D 106 -1.82 -10.14 11.11
N ALA D 107 -0.75 -9.35 11.30
CA ALA D 107 0.23 -9.13 10.22
C ALA D 107 1.64 -8.96 10.79
N ASP D 108 2.54 -9.90 10.47
CA ASP D 108 3.97 -9.85 10.85
C ASP D 108 4.12 -9.66 12.36
N GLY D 109 3.32 -10.32 13.19
CA GLY D 109 3.39 -10.21 14.65
C GLY D 109 2.69 -8.99 15.23
N GLY D 110 2.20 -8.09 14.40
CA GLY D 110 1.28 -7.01 14.81
C GLY D 110 -0.05 -7.17 14.12
N SER D 111 -0.66 -6.03 13.77
CA SER D 111 -2.06 -6.03 13.30
C SER D 111 -2.14 -5.30 11.95
N LYS D 112 -3.02 -5.80 11.07
CA LYS D 112 -3.60 -5.02 9.95
C LYS D 112 -4.99 -4.54 10.38
N ILE D 113 -5.26 -3.26 10.17
CA ILE D 113 -6.49 -2.60 10.67
C ILE D 113 -7.34 -2.22 9.46
N LYS D 114 -8.56 -2.73 9.37
CA LYS D 114 -9.44 -2.36 8.24
C LYS D 114 -10.61 -1.58 8.82
N VAL D 115 -10.78 -0.33 8.40
CA VAL D 115 -11.98 0.44 8.81
C VAL D 115 -12.82 0.76 7.57
N SER D 116 -14.12 0.55 7.65
CA SER D 116 -15.04 1.14 6.65
C SER D 116 -15.98 2.13 7.33
N VAL D 117 -16.06 3.35 6.81
CA VAL D 117 -16.93 4.38 7.46
C VAL D 117 -17.98 4.87 6.47
N THR D 118 -19.20 5.00 6.98
CA THR D 118 -20.37 5.41 6.20
C THR D 118 -20.99 6.66 6.84
N PHE D 119 -20.97 7.78 6.11
CA PHE D 119 -21.54 9.04 6.61
C PHE D 119 -22.96 9.14 6.07
N HIS D 120 -23.94 9.34 6.95
CA HIS D 120 -25.37 9.44 6.56
C HIS D 120 -25.78 10.91 6.65
N THR D 121 -26.00 11.53 5.49
CA THR D 121 -26.30 12.99 5.39
C THR D 121 -27.81 13.24 5.39
N LYS D 122 -28.19 14.47 5.70
CA LYS D 122 -29.62 14.86 5.58
C LYS D 122 -30.03 14.86 4.10
N GLY D 123 -31.13 14.21 3.79
CA GLY D 123 -31.68 14.29 2.42
C GLY D 123 -30.66 13.81 1.41
N ASP D 124 -30.43 14.59 0.37
CA ASP D 124 -29.54 14.16 -0.73
C ASP D 124 -28.23 14.91 -0.62
N ALA D 125 -27.93 15.46 0.55
CA ALA D 125 -26.72 16.29 0.72
C ALA D 125 -25.46 15.48 0.41
N PRO D 126 -24.45 16.08 -0.24
CA PRO D 126 -23.11 15.52 -0.24
C PRO D 126 -22.39 15.74 1.10
N LEU D 127 -21.24 15.10 1.23
CA LEU D 127 -20.40 15.22 2.43
C LEU D 127 -19.41 16.36 2.26
N PRO D 128 -19.50 17.44 3.07
CA PRO D 128 -18.47 18.48 3.06
C PRO D 128 -17.11 17.89 3.48
N ASP D 129 -16.04 18.34 2.81
CA ASP D 129 -14.64 17.91 3.07
C ASP D 129 -14.28 18.20 4.54
N GLU D 130 -14.65 19.35 5.09
CA GLU D 130 -14.29 19.72 6.50
C GLU D 130 -14.87 18.70 7.47
N VAL D 131 -16.11 18.25 7.22
CA VAL D 131 -16.81 17.28 8.10
C VAL D 131 -16.11 15.91 7.99
N HIS D 132 -15.81 15.49 6.77
CA HIS D 132 -15.12 14.19 6.55
C HIS D 132 -13.78 14.20 7.28
N GLN D 133 -13.03 15.28 7.13
CA GLN D 133 -11.72 15.42 7.79
C GLN D 133 -11.94 15.46 9.30
N ASP D 134 -12.99 16.15 9.73
CA ASP D 134 -13.17 16.35 11.18
C ASP D 134 -13.33 14.98 11.85
N VAL D 135 -14.23 14.17 11.30
CA VAL D 135 -14.63 12.86 11.86
C VAL D 135 -13.46 11.87 11.75
N LYS D 136 -12.75 11.89 10.63
CA LYS D 136 -11.60 10.98 10.40
C LYS D 136 -10.53 11.32 11.42
N GLN D 137 -10.26 12.61 11.60
CA GLN D 137 -9.17 13.03 12.52
C GLN D 137 -9.53 12.61 13.94
N LYS D 138 -10.80 12.74 14.34
CA LYS D 138 -11.22 12.34 15.71
C LYS D 138 -11.11 10.82 15.88
N SER D 139 -11.73 10.04 15.02
CA SER D 139 -11.76 8.58 15.27
C SER D 139 -10.33 8.01 15.19
N GLN D 140 -9.57 8.41 14.17
CA GLN D 140 -8.17 7.95 14.03
C GLN D 140 -7.38 8.42 15.25
N GLY D 141 -7.56 9.67 15.65
CA GLY D 141 -6.86 10.22 16.82
C GLY D 141 -7.12 9.40 18.08
N ILE D 142 -8.37 9.08 18.37
CA ILE D 142 -8.66 8.31 19.61
C ILE D 142 -8.02 6.93 19.48
N PHE D 143 -8.23 6.24 18.37
CA PHE D 143 -7.59 4.92 18.11
C PHE D 143 -6.10 4.97 18.37
N LYS D 144 -5.40 6.00 17.87
CA LYS D 144 -3.92 6.03 17.91
C LYS D 144 -3.42 6.49 19.29
N ALA D 145 -4.25 7.21 20.02
CA ALA D 145 -3.96 7.55 21.43
C ALA D 145 -4.00 6.27 22.27
N ILE D 146 -4.99 5.42 22.06
CA ILE D 146 -5.07 4.12 22.74
C ILE D 146 -3.92 3.21 22.28
N GLU D 147 -3.63 3.20 20.98
CA GLU D 147 -2.53 2.38 20.43
C GLU D 147 -1.20 2.82 21.02
N GLY D 148 -0.96 4.13 21.11
CA GLY D 148 0.25 4.64 21.77
C GLY D 148 0.29 4.23 23.24
N TYR D 149 -0.84 4.26 23.92
CA TYR D 149 -0.87 3.95 25.37
C TYR D 149 -0.41 2.50 25.58
N VAL D 150 -0.89 1.60 24.74
CA VAL D 150 -0.54 0.16 24.83
C VAL D 150 0.97 0.00 24.67
N LEU D 151 1.53 0.71 23.70
CA LEU D 151 2.98 0.65 23.40
C LEU D 151 3.81 1.26 24.53
N SER D 152 3.23 2.21 25.27
CA SER D 152 3.91 2.93 26.37
C SER D 152 3.95 2.12 27.67
N ASN D 153 3.29 0.96 27.71
CA ASN D 153 3.26 0.08 28.90
C ASN D 153 3.67 -1.32 28.45
NA NA E . 10.46 -12.82 -29.48
S SO4 F . 29.02 -11.59 -16.12
O1 SO4 F . 28.10 -11.24 -17.14
O2 SO4 F . 28.98 -13.01 -15.92
O3 SO4 F . 30.34 -11.21 -16.51
O4 SO4 F . 28.67 -10.92 -14.92
S SO4 G . 22.54 -22.94 -13.03
O1 SO4 G . 21.72 -22.40 -14.08
O2 SO4 G . 22.26 -24.34 -12.87
O3 SO4 G . 22.27 -22.25 -11.79
O4 SO4 G . 23.93 -22.76 -13.36
S SO4 H . 24.24 -22.14 -8.42
O1 SO4 H . 24.63 -21.13 -9.37
O2 SO4 H . 23.75 -23.30 -9.12
O3 SO4 H . 25.37 -22.50 -7.62
O4 SO4 H . 23.20 -21.61 -7.58
NA NA I . -12.16 -5.57 -29.49
S SO4 J . -29.34 3.25 -15.76
O1 SO4 J . -28.80 3.77 -17.00
O2 SO4 J . -29.30 1.81 -15.78
O3 SO4 J . -28.55 3.74 -14.65
O4 SO4 J . -30.71 3.68 -15.61
NA NA K . 11.52 4.77 30.20
S SO4 L . 27.02 -7.05 17.73
O1 SO4 L . 27.77 -6.00 17.15
O2 SO4 L . 26.71 -8.05 16.78
O3 SO4 L . 27.78 -7.64 18.77
O4 SO4 L . 25.81 -6.52 18.27
S SO4 M . -3.25 17.13 16.76
O1 SO4 M . -3.69 18.21 15.91
O2 SO4 M . -3.44 15.88 16.06
O3 SO4 M . -1.88 17.31 17.08
O4 SO4 M . -4.03 17.13 17.97
S SO4 N . 16.21 -17.19 5.96
O1 SO4 N . 16.43 -17.53 4.59
O2 SO4 N . 15.24 -18.09 6.54
O3 SO4 N . 17.45 -17.28 6.69
O4 SO4 N . 15.71 -15.84 6.06
NA NA O . -10.72 13.13 29.37
S SO4 P . -18.76 19.21 -1.96
O1 SO4 P . -18.93 18.98 -3.38
O2 SO4 P . -17.85 18.22 -1.43
O3 SO4 P . -18.20 20.52 -1.75
O4 SO4 P . -20.04 19.10 -1.31
#